data_5EAH
#
_entry.id   5EAH
#
_cell.length_a   78.020
_cell.length_b   67.330
_cell.length_c   80.900
_cell.angle_alpha   90.000
_cell.angle_beta   98.580
_cell.angle_gamma   90.000
#
_symmetry.space_group_name_H-M   'P 1 21 1'
#
loop_
_entity.id
_entity.type
_entity.pdbx_description
1 polymer 'Lanosterol 14-alpha demethylase'
2 non-polymer 'PROTOPORPHYRIN IX CONTAINING FE'
3 non-polymer 1-[[(2~{S},4~{R})-2-[2-chloranyl-4-(4-chloranylphenoxy)phenyl]-4-methyl-1,3-dioxolan-2-yl]methyl]-1,2,4-triazole
4 non-polymer 1-[[(2~{S},4~{S})-2-[2-chloranyl-4-(4-chloranylphenoxy)phenyl]-4-methyl-1,3-dioxolan-2-yl]methyl]-1,2,4-triazole
5 non-polymer 1-[[(2~{R},4~{S})-2-[2-chloranyl-4-(4-chloranylphenoxy)phenyl]-4-methyl-1,3-dioxolan-2-yl]methyl]-1,2,4-triazole
6 non-polymer 1-[[(2~{R},4~{R})-2-[2-chloranyl-4-(4-chloranylphenoxy)phenyl]-4-methyl-1,3-dioxolan-2-yl]methyl]-1,2,4-triazole
7 water water
#
_entity_poly.entity_id   1
_entity_poly.type   'polypeptide(L)'
_entity_poly.pdbx_seq_one_letter_code
;MSATKSIVGEALEYVNIGLSHFLALPLAQRISLIIIIPFIYNIVWQLLYSLRKDRPPLVFYWIPWVGSAVVYGMKPYEFF
EECQKKYGDIFSFVLLGRVMTVYLGPKGHEFVFNAKLADVSAEAAYAHLTTPVFGKGVIYDCPNSRLMEQKKFVKGALTK
EAFKSYVPLIAEEVYKYFRDSKNFRLNERTTGTIDVMVTQPEMTIFTASRSLLGKEMRAKLDTDFAYLYSDLDKGFTPIN
FVFPNLPLEHYRKRDHAQKAISGTYMSLIKERRKNNDIQDRDLIDSLMKNSTYKDGVKMTDQEIANLLIGVLMGGQHTSA
ATSAWILLHLAERPDVQQELYEEQMRVLDGGKKELTYDLLQEMPLLNQTIKETLRMHHPLHSLFRKVMKDMHVPNTSYVI
PAGYHVLVSPGYTHLRDEYFPNAHQFNIHRWNNDSASSYSVGEEVDYGFGAISKGVSSPYLPFGGGRHRCIGEHFAYCQL
GVLMSIFIRTLKWHYPEGKTVPPPDFTSMVTLPTGPAKIIWEKRNPEQKIGGRHHHHHH
;
_entity_poly.pdbx_strand_id   A
#
# COMPACT_ATOMS: atom_id res chain seq x y z
N SER A 6 69.14 -5.18 -4.27
CA SER A 6 67.76 -4.80 -4.57
C SER A 6 66.77 -5.94 -4.27
N ILE A 7 66.62 -6.29 -2.98
CA ILE A 7 65.78 -7.42 -2.56
C ILE A 7 64.39 -6.92 -2.21
N VAL A 8 63.37 -7.55 -2.79
CA VAL A 8 61.99 -7.26 -2.43
C VAL A 8 61.49 -8.20 -1.34
N GLY A 9 62.15 -9.34 -1.15
CA GLY A 9 61.71 -10.28 -0.15
C GLY A 9 61.77 -9.71 1.24
N GLU A 10 62.76 -8.84 1.50
CA GLU A 10 62.93 -8.18 2.79
C GLU A 10 61.59 -7.81 3.40
N ALA A 11 60.67 -7.29 2.57
CA ALA A 11 59.38 -6.83 3.04
C ALA A 11 58.32 -7.92 3.00
N LEU A 12 58.31 -8.75 1.96
CA LEU A 12 57.31 -9.82 1.90
C LEU A 12 57.44 -10.78 3.09
N GLU A 13 58.66 -10.98 3.59
CA GLU A 13 58.84 -11.62 4.88
C GLU A 13 58.04 -10.87 5.96
N TYR A 14 58.17 -9.54 5.99
CA TYR A 14 57.48 -8.77 7.03
C TYR A 14 55.98 -8.65 6.76
N VAL A 15 55.53 -8.83 5.52
CA VAL A 15 54.11 -9.07 5.31
C VAL A 15 53.66 -10.29 6.12
N ASN A 16 54.37 -11.41 5.92
CA ASN A 16 54.04 -12.65 6.63
C ASN A 16 54.18 -12.48 8.13
N ILE A 17 55.31 -11.93 8.58
CA ILE A 17 55.46 -11.65 10.01
C ILE A 17 54.34 -10.75 10.50
N GLY A 18 53.99 -9.73 9.71
CA GLY A 18 52.92 -8.83 10.09
C GLY A 18 51.60 -9.54 10.30
N LEU A 19 51.28 -10.49 9.40
CA LEU A 19 50.06 -11.27 9.58
C LEU A 19 50.07 -12.08 10.88
N SER A 20 51.24 -12.56 11.29
CA SER A 20 51.27 -13.41 12.48
C SER A 20 51.10 -12.58 13.76
N HIS A 21 51.70 -11.39 13.80
CA HIS A 21 51.47 -10.50 14.93
C HIS A 21 50.03 -10.02 14.99
N PHE A 22 49.33 -10.04 13.86
CA PHE A 22 47.90 -9.74 13.83
C PHE A 22 47.08 -10.80 14.57
N LEU A 23 47.22 -12.07 14.17
CA LEU A 23 46.46 -13.14 14.80
C LEU A 23 46.68 -13.20 16.31
N ALA A 24 47.78 -12.62 16.80
CA ALA A 24 48.17 -12.70 18.20
C ALA A 24 47.97 -11.39 18.94
N LEU A 25 47.13 -10.49 18.43
CA LEU A 25 46.79 -9.34 19.23
C LEU A 25 45.78 -9.75 20.31
N PRO A 26 45.77 -9.07 21.44
CA PRO A 26 44.71 -9.29 22.44
C PRO A 26 43.34 -9.20 21.81
N LEU A 27 42.41 -10.04 22.26
CA LEU A 27 41.06 -10.03 21.73
C LEU A 27 40.41 -8.65 21.89
N ALA A 28 40.78 -7.92 22.94
CA ALA A 28 40.37 -6.53 23.06
C ALA A 28 40.58 -5.77 21.76
N GLN A 29 41.71 -5.99 21.09
CA GLN A 29 42.03 -5.24 19.88
C GLN A 29 41.54 -5.90 18.61
N ARG A 30 41.48 -7.23 18.57
CA ARG A 30 40.96 -7.90 17.39
C ARG A 30 39.53 -7.44 17.11
N ILE A 31 38.70 -7.42 18.16
CA ILE A 31 37.34 -6.90 18.02
C ILE A 31 37.38 -5.48 17.48
N SER A 32 38.20 -4.62 18.10
CA SER A 32 38.37 -3.24 17.62
C SER A 32 38.74 -3.21 16.16
N LEU A 33 39.73 -4.04 15.76
CA LEU A 33 40.16 -4.05 14.37
C LEU A 33 39.04 -4.55 13.46
N ILE A 34 38.29 -5.57 13.89
CA ILE A 34 37.17 -6.08 13.13
C ILE A 34 36.06 -5.03 12.96
N ILE A 35 36.08 -3.95 13.74
CA ILE A 35 35.13 -2.86 13.62
C ILE A 35 35.73 -1.68 12.85
N ILE A 36 36.95 -1.28 13.20
CA ILE A 36 37.51 -0.09 12.58
C ILE A 36 37.85 -0.34 11.12
N ILE A 37 38.30 -1.54 10.78
CA ILE A 37 38.75 -1.77 9.41
C ILE A 37 37.59 -1.74 8.42
N PRO A 38 36.41 -2.33 8.69
CA PRO A 38 35.33 -2.17 7.71
C PRO A 38 34.76 -0.76 7.70
N PHE A 39 34.69 -0.11 8.86
CA PHE A 39 34.27 1.30 8.90
C PHE A 39 35.15 2.14 7.99
N ILE A 40 36.48 2.05 8.16
CA ILE A 40 37.37 2.85 7.33
C ILE A 40 37.24 2.44 5.87
N TYR A 41 36.95 1.16 5.63
CA TYR A 41 36.94 0.66 4.26
C TYR A 41 35.78 1.26 3.45
N ASN A 42 34.59 1.35 4.04
CA ASN A 42 33.46 1.87 3.29
C ASN A 42 33.50 3.40 3.15
N ILE A 43 34.18 4.10 4.07
CA ILE A 43 34.42 5.54 3.87
C ILE A 43 35.40 5.77 2.74
N VAL A 44 36.41 4.89 2.62
CA VAL A 44 37.31 5.00 1.49
C VAL A 44 36.58 4.66 0.20
N TRP A 45 35.74 3.61 0.25
CA TRP A 45 35.00 3.18 -0.94
C TRP A 45 34.05 4.26 -1.43
N GLN A 46 33.35 4.95 -0.51
CA GLN A 46 32.39 5.96 -0.93
C GLN A 46 33.08 7.12 -1.63
N LEU A 47 34.15 7.65 -1.03
CA LEU A 47 34.91 8.72 -1.67
C LEU A 47 35.37 8.27 -3.05
N LEU A 48 35.74 7.00 -3.19
CA LEU A 48 36.13 6.49 -4.49
C LEU A 48 34.92 6.34 -5.42
N TYR A 49 33.80 5.84 -4.90
CA TYR A 49 32.59 5.69 -5.71
C TYR A 49 32.17 7.01 -6.32
N SER A 50 32.34 8.11 -5.57
CA SER A 50 31.87 9.43 -5.98
C SER A 50 32.55 9.94 -7.25
N LEU A 51 33.64 9.32 -7.68
CA LEU A 51 34.33 9.74 -8.88
C LEU A 51 33.82 9.06 -10.15
N ARG A 52 33.04 7.99 -10.02
CA ARG A 52 32.47 7.36 -11.20
C ARG A 52 31.34 8.21 -11.79
N LYS A 53 31.45 8.52 -13.08
CA LYS A 53 30.48 9.36 -13.75
C LYS A 53 29.33 8.58 -14.36
N ASP A 54 29.42 7.25 -14.39
CA ASP A 54 28.29 6.42 -14.80
C ASP A 54 27.51 5.88 -13.59
N ARG A 55 27.53 6.61 -12.47
CA ARG A 55 26.78 6.24 -11.27
C ARG A 55 26.03 7.45 -10.74
N PRO A 56 24.76 7.32 -10.40
CA PRO A 56 24.09 8.40 -9.69
C PRO A 56 24.78 8.66 -8.37
N PRO A 57 24.77 9.90 -7.89
CA PRO A 57 25.39 10.20 -6.61
C PRO A 57 24.84 9.30 -5.52
N LEU A 58 25.74 8.80 -4.68
CA LEU A 58 25.38 7.91 -3.58
C LEU A 58 25.40 8.69 -2.29
N VAL A 59 24.28 8.69 -1.57
CA VAL A 59 24.20 9.44 -0.33
C VAL A 59 25.25 8.92 0.64
N PHE A 60 26.04 9.82 1.19
CA PHE A 60 27.08 9.43 2.13
C PHE A 60 26.46 8.91 3.43
N TYR A 61 27.13 7.94 4.04
CA TYR A 61 26.63 7.31 5.26
C TYR A 61 27.79 6.77 6.08
N TRP A 62 27.64 6.86 7.41
CA TRP A 62 28.73 6.45 8.30
C TRP A 62 28.73 4.94 8.56
N ILE A 63 27.59 4.35 8.91
CA ILE A 63 27.51 2.96 9.33
C ILE A 63 27.42 2.07 8.10
N PRO A 64 28.26 1.06 7.95
CA PRO A 64 28.11 0.14 6.81
C PRO A 64 26.87 -0.72 6.95
N TRP A 65 26.44 -1.27 5.82
CA TRP A 65 25.24 -2.10 5.73
C TRP A 65 23.96 -1.40 6.16
N VAL A 66 23.89 -0.90 7.39
CA VAL A 66 22.73 -0.13 7.82
C VAL A 66 22.41 0.97 6.81
N GLY A 67 23.43 1.76 6.45
CA GLY A 67 23.23 2.80 5.44
C GLY A 67 22.43 3.99 5.97
N SER A 68 21.64 4.59 5.08
CA SER A 68 20.74 5.68 5.44
C SER A 68 19.36 5.16 5.92
N ALA A 69 19.29 3.91 6.38
CA ALA A 69 18.01 3.31 6.75
C ALA A 69 17.28 4.09 7.83
N VAL A 70 18.02 4.65 8.79
CA VAL A 70 17.35 5.30 9.92
C VAL A 70 16.55 6.51 9.44
N VAL A 71 17.21 7.43 8.75
CA VAL A 71 16.52 8.65 8.32
C VAL A 71 15.55 8.34 7.19
N TYR A 72 15.91 7.40 6.30
CA TYR A 72 14.99 7.01 5.23
C TYR A 72 13.70 6.42 5.81
N GLY A 73 13.83 5.52 6.79
CA GLY A 73 12.65 4.91 7.36
C GLY A 73 11.79 5.88 8.16
N MET A 74 12.42 6.83 8.85
CA MET A 74 11.62 7.68 9.72
C MET A 74 10.94 8.81 8.96
N LYS A 75 11.66 9.48 8.05
CA LYS A 75 11.14 10.67 7.36
C LYS A 75 11.51 10.62 5.88
N PRO A 76 10.92 9.68 5.12
CA PRO A 76 11.42 9.44 3.76
C PRO A 76 11.19 10.60 2.83
N TYR A 77 10.06 11.31 2.96
CA TYR A 77 9.80 12.45 2.09
C TYR A 77 10.77 13.59 2.36
N GLU A 78 11.10 13.84 3.64
CA GLU A 78 12.15 14.81 3.94
C GLU A 78 13.51 14.36 3.40
N PHE A 79 13.84 13.07 3.55
CA PHE A 79 15.07 12.54 2.97
C PHE A 79 15.11 12.78 1.46
N PHE A 80 14.00 12.56 0.77
CA PHE A 80 13.98 12.75 -0.67
C PHE A 80 14.21 14.21 -1.05
N GLU A 81 13.64 15.15 -0.28
CA GLU A 81 13.75 16.56 -0.67
C GLU A 81 15.17 17.09 -0.45
N GLU A 82 15.83 16.65 0.63
CA GLU A 82 17.22 17.03 0.83
C GLU A 82 18.10 16.45 -0.28
N CYS A 83 18.10 15.12 -0.44
CA CYS A 83 18.86 14.50 -1.53
C CYS A 83 18.50 15.10 -2.88
N GLN A 84 17.27 15.60 -3.05
CA GLN A 84 16.92 16.22 -4.33
C GLN A 84 17.57 17.59 -4.46
N LYS A 85 17.73 18.32 -3.36
CA LYS A 85 18.41 19.61 -3.43
C LYS A 85 19.91 19.43 -3.65
N LYS A 86 20.49 18.40 -3.04
CA LYS A 86 21.93 18.16 -3.18
C LYS A 86 22.30 17.65 -4.56
N TYR A 87 21.69 16.54 -4.99
CA TYR A 87 22.16 15.81 -6.16
C TYR A 87 21.18 15.79 -7.33
N GLY A 88 20.01 16.43 -7.20
CA GLY A 88 18.99 16.35 -8.24
C GLY A 88 18.03 15.18 -8.10
N ASP A 89 17.49 14.70 -9.23
CA ASP A 89 16.39 13.76 -9.21
C ASP A 89 16.80 12.30 -9.22
N ILE A 90 18.04 11.98 -9.59
CA ILE A 90 18.55 10.62 -9.52
C ILE A 90 19.65 10.59 -8.48
N PHE A 91 19.52 9.68 -7.52
CA PHE A 91 20.59 9.46 -6.56
C PHE A 91 20.39 8.08 -5.97
N SER A 92 21.47 7.56 -5.39
CA SER A 92 21.41 6.28 -4.72
C SER A 92 21.66 6.47 -3.24
N PHE A 93 21.27 5.48 -2.46
CA PHE A 93 21.59 5.52 -1.06
C PHE A 93 21.58 4.09 -0.56
N VAL A 94 22.31 3.86 0.51
CA VAL A 94 22.47 2.50 1.00
C VAL A 94 21.42 2.24 2.07
N LEU A 95 20.79 1.07 1.98
CA LEU A 95 19.63 0.74 2.82
C LEU A 95 19.73 -0.72 3.25
N LEU A 96 19.93 -0.93 4.56
CA LEU A 96 19.99 -2.24 5.22
C LEU A 96 20.54 -3.34 4.31
N GLY A 97 21.69 -3.12 3.69
CA GLY A 97 22.32 -4.10 2.83
C GLY A 97 22.17 -3.87 1.34
N ARG A 98 21.29 -2.97 0.92
CA ARG A 98 21.00 -2.74 -0.49
C ARG A 98 21.31 -1.30 -0.91
N VAL A 99 21.49 -1.13 -2.21
CA VAL A 99 21.60 0.19 -2.84
C VAL A 99 20.30 0.50 -3.55
N MET A 100 19.61 1.54 -3.08
CA MET A 100 18.40 2.03 -3.72
C MET A 100 18.78 3.20 -4.62
N THR A 101 18.43 3.11 -5.91
CA THR A 101 18.55 4.26 -6.81
C THR A 101 17.17 4.90 -6.96
N VAL A 102 16.95 5.97 -6.20
CA VAL A 102 15.73 6.78 -6.29
C VAL A 102 15.75 7.55 -7.59
N TYR A 103 14.60 7.62 -8.28
CA TYR A 103 14.43 8.51 -9.42
C TYR A 103 13.13 9.28 -9.22
N LEU A 104 13.26 10.52 -8.73
CA LEU A 104 12.14 11.39 -8.37
C LEU A 104 11.50 12.08 -9.58
N GLY A 105 10.17 12.06 -9.62
CA GLY A 105 9.44 12.85 -10.57
C GLY A 105 8.87 12.03 -11.71
N PRO A 106 8.10 12.68 -12.59
CA PRO A 106 7.48 11.93 -13.69
C PRO A 106 8.46 11.10 -14.51
N LYS A 107 9.68 11.62 -14.77
CA LYS A 107 10.67 10.84 -15.50
C LYS A 107 11.03 9.58 -14.72
N GLY A 108 11.18 9.71 -13.40
CA GLY A 108 11.42 8.53 -12.56
C GLY A 108 10.29 7.53 -12.64
N HIS A 109 9.04 8.03 -12.62
CA HIS A 109 7.90 7.16 -12.86
C HIS A 109 8.06 6.42 -14.19
N GLU A 110 8.50 7.15 -15.21
CA GLU A 110 8.59 6.54 -16.52
C GLU A 110 9.74 5.54 -16.58
N PHE A 111 10.86 5.86 -15.93
CA PHE A 111 12.03 5.00 -15.91
C PHE A 111 11.80 3.68 -15.15
N VAL A 112 10.90 3.67 -14.16
CA VAL A 112 10.69 2.50 -13.31
C VAL A 112 9.37 1.81 -13.64
N PHE A 113 8.28 2.57 -13.75
CA PHE A 113 6.99 1.93 -13.98
C PHE A 113 6.88 1.37 -15.38
N ASN A 114 7.47 2.03 -16.36
CA ASN A 114 7.46 1.50 -17.71
C ASN A 114 8.78 0.79 -18.06
N ALA A 115 9.63 0.51 -17.07
CA ALA A 115 10.84 -0.28 -17.34
C ALA A 115 10.50 -1.56 -18.06
N LYS A 116 11.46 -2.08 -18.81
CA LYS A 116 11.25 -3.32 -19.53
C LYS A 116 11.21 -4.49 -18.55
N LEU A 117 10.44 -5.53 -18.92
CA LEU A 117 10.26 -6.71 -18.09
C LEU A 117 11.57 -7.44 -17.79
N ALA A 118 12.57 -7.30 -18.66
CA ALA A 118 13.90 -7.85 -18.43
C ALA A 118 14.79 -6.94 -17.59
N ASP A 119 14.49 -5.65 -17.50
CA ASP A 119 15.36 -4.77 -16.74
C ASP A 119 15.11 -4.87 -15.25
N VAL A 120 13.84 -4.92 -14.84
CA VAL A 120 13.50 -4.88 -13.43
C VAL A 120 12.58 -6.04 -13.15
N SER A 121 12.53 -6.41 -11.88
CA SER A 121 11.64 -7.45 -11.39
C SER A 121 10.93 -6.92 -10.15
N ALA A 122 9.58 -6.86 -10.20
CA ALA A 122 8.87 -6.52 -8.97
C ALA A 122 8.84 -7.71 -8.02
N GLU A 123 8.77 -8.94 -8.55
CA GLU A 123 8.66 -10.10 -7.67
C GLU A 123 9.94 -10.32 -6.89
N ALA A 124 11.09 -9.92 -7.45
CA ALA A 124 12.34 -10.06 -6.73
C ALA A 124 12.44 -9.12 -5.55
N ALA A 125 11.74 -7.98 -5.59
CA ALA A 125 11.82 -7.02 -4.49
C ALA A 125 10.80 -7.31 -3.40
N TYR A 126 9.67 -7.91 -3.76
CA TYR A 126 8.53 -8.02 -2.86
C TYR A 126 8.28 -9.41 -2.31
N ALA A 127 8.69 -10.47 -3.02
CA ALA A 127 8.26 -11.82 -2.68
C ALA A 127 8.62 -12.21 -1.25
N HIS A 128 9.76 -11.72 -0.75
CA HIS A 128 10.15 -12.00 0.64
C HIS A 128 9.17 -11.39 1.62
N LEU A 129 8.61 -10.22 1.30
CA LEU A 129 7.64 -9.55 2.17
C LEU A 129 6.27 -10.21 2.11
N THR A 130 5.81 -10.61 0.93
CA THR A 130 4.44 -11.02 0.74
C THR A 130 4.23 -12.52 0.78
N THR A 131 5.16 -13.31 0.25
CA THR A 131 4.89 -14.75 0.18
C THR A 131 4.67 -15.41 1.54
N PRO A 132 5.44 -15.12 2.60
CA PRO A 132 5.09 -15.69 3.92
C PRO A 132 3.71 -15.27 4.40
N VAL A 133 3.28 -14.05 4.09
CA VAL A 133 1.97 -13.58 4.51
C VAL A 133 0.86 -14.23 3.69
N PHE A 134 0.97 -14.19 2.36
CA PHE A 134 -0.17 -14.58 1.53
C PHE A 134 -0.21 -16.06 1.23
N GLY A 135 0.93 -16.69 1.06
CA GLY A 135 0.92 -18.06 0.60
C GLY A 135 1.81 -18.23 -0.60
N LYS A 136 1.82 -19.43 -1.14
CA LYS A 136 2.76 -19.76 -2.19
C LYS A 136 2.05 -19.79 -3.53
N GLY A 137 2.83 -19.65 -4.59
CA GLY A 137 2.33 -19.84 -5.93
C GLY A 137 1.56 -18.68 -6.53
N VAL A 138 1.48 -17.53 -5.85
CA VAL A 138 0.68 -16.42 -6.35
C VAL A 138 1.41 -15.10 -6.11
N ILE A 139 0.99 -14.10 -6.88
CA ILE A 139 1.36 -12.71 -6.64
C ILE A 139 2.85 -12.51 -6.96
N TYR A 140 3.71 -12.63 -5.96
CA TYR A 140 5.14 -12.44 -6.18
C TYR A 140 5.93 -13.72 -6.02
N ASP A 141 5.23 -14.82 -5.76
CA ASP A 141 5.84 -16.13 -5.75
C ASP A 141 5.40 -16.90 -7.00
N CYS A 142 5.70 -16.32 -8.16
CA CYS A 142 5.39 -16.86 -9.48
C CYS A 142 5.94 -15.89 -10.53
N PRO A 143 6.14 -16.33 -11.77
CA PRO A 143 6.67 -15.41 -12.80
C PRO A 143 5.67 -14.32 -13.16
N ASN A 144 6.21 -13.18 -13.61
CA ASN A 144 5.37 -12.03 -13.92
C ASN A 144 4.19 -12.38 -14.81
N SER A 145 4.37 -13.34 -15.73
CA SER A 145 3.28 -13.72 -16.62
C SER A 145 2.09 -14.29 -15.86
N ARG A 146 2.36 -15.05 -14.79
CA ARG A 146 1.27 -15.57 -13.97
C ARG A 146 0.58 -14.45 -13.19
N LEU A 147 1.36 -13.56 -12.60
CA LEU A 147 0.84 -12.31 -12.04
C LEU A 147 -0.15 -11.66 -13.00
N MET A 148 0.27 -11.39 -14.25
CA MET A 148 -0.57 -10.67 -15.19
C MET A 148 -1.91 -11.37 -15.40
N GLU A 149 -1.93 -12.69 -15.31
CA GLU A 149 -3.17 -13.41 -15.50
C GLU A 149 -3.99 -13.50 -14.22
N GLN A 150 -3.31 -13.53 -13.06
CA GLN A 150 -4.05 -13.43 -11.81
C GLN A 150 -4.79 -12.11 -11.72
N LYS A 151 -4.12 -11.01 -12.11
CA LYS A 151 -4.80 -9.71 -12.17
C LYS A 151 -5.97 -9.76 -13.15
N LYS A 152 -5.81 -10.48 -14.26
CA LYS A 152 -6.93 -10.66 -15.18
C LYS A 152 -8.09 -11.40 -14.51
N PHE A 153 -7.80 -12.38 -13.65
CA PHE A 153 -8.88 -13.09 -12.95
C PHE A 153 -9.54 -12.19 -11.91
N VAL A 154 -8.74 -11.52 -11.07
CA VAL A 154 -9.29 -10.67 -10.02
C VAL A 154 -10.12 -9.54 -10.62
N LYS A 155 -9.59 -8.88 -11.66
CA LYS A 155 -10.33 -7.79 -12.31
C LYS A 155 -11.71 -8.24 -12.77
N GLY A 156 -11.84 -9.48 -13.24
CA GLY A 156 -13.12 -9.96 -13.73
C GLY A 156 -14.23 -10.01 -12.68
N ALA A 157 -13.88 -10.09 -11.41
CA ALA A 157 -14.89 -9.94 -10.37
C ALA A 157 -15.13 -8.48 -10.00
N LEU A 158 -14.41 -7.54 -10.61
CA LEU A 158 -14.50 -6.14 -10.21
C LEU A 158 -15.13 -5.31 -11.32
N THR A 159 -16.34 -5.66 -11.73
CA THR A 159 -17.03 -4.97 -12.81
C THR A 159 -18.09 -4.03 -12.26
N LYS A 160 -18.57 -3.15 -13.15
CA LYS A 160 -19.65 -2.24 -12.81
C LYS A 160 -20.87 -2.99 -12.26
N GLU A 161 -21.20 -4.14 -12.85
CA GLU A 161 -22.32 -4.91 -12.32
C GLU A 161 -21.99 -5.52 -10.97
N ALA A 162 -20.73 -5.91 -10.76
CA ALA A 162 -20.31 -6.29 -9.43
C ALA A 162 -20.51 -5.12 -8.46
N PHE A 163 -20.04 -3.93 -8.84
CA PHE A 163 -20.09 -2.80 -7.91
C PHE A 163 -21.52 -2.38 -7.58
N LYS A 164 -22.49 -2.67 -8.46
CA LYS A 164 -23.88 -2.37 -8.09
C LYS A 164 -24.39 -3.32 -7.04
N SER A 165 -23.96 -4.58 -7.09
CA SER A 165 -24.29 -5.51 -6.02
C SER A 165 -23.63 -5.10 -4.71
N TYR A 166 -22.39 -4.59 -4.78
CA TYR A 166 -21.62 -4.37 -3.56
C TYR A 166 -22.10 -3.14 -2.80
N VAL A 167 -22.64 -2.12 -3.50
CA VAL A 167 -22.97 -0.88 -2.81
C VAL A 167 -23.97 -1.17 -1.69
N PRO A 168 -25.13 -1.79 -1.93
CA PRO A 168 -26.02 -2.12 -0.77
C PRO A 168 -25.38 -2.99 0.31
N LEU A 169 -24.54 -3.96 -0.05
CA LEU A 169 -23.89 -4.79 0.97
C LEU A 169 -22.90 -3.98 1.80
N ILE A 170 -22.07 -3.16 1.13
CA ILE A 170 -21.13 -2.29 1.84
C ILE A 170 -21.91 -1.32 2.73
N ALA A 171 -23.05 -0.84 2.24
CA ALA A 171 -23.85 0.13 2.99
C ALA A 171 -24.53 -0.54 4.18
N GLU A 172 -25.10 -1.74 3.96
CA GLU A 172 -25.64 -2.50 5.09
C GLU A 172 -24.56 -2.70 6.16
N GLU A 173 -23.32 -2.96 5.73
CA GLU A 173 -22.24 -3.16 6.70
C GLU A 173 -21.92 -1.89 7.48
N VAL A 174 -21.94 -0.73 6.84
CA VAL A 174 -21.64 0.51 7.55
C VAL A 174 -22.72 0.79 8.60
N TYR A 175 -23.99 0.67 8.22
CA TYR A 175 -25.07 0.89 9.18
C TYR A 175 -24.97 -0.09 10.36
N LYS A 176 -24.81 -1.38 10.06
CA LYS A 176 -24.62 -2.36 11.14
C LYS A 176 -23.44 -2.00 12.03
N TYR A 177 -22.36 -1.44 11.46
CA TYR A 177 -21.25 -1.05 12.33
C TYR A 177 -21.63 0.13 13.21
N PHE A 178 -22.40 1.10 12.68
CA PHE A 178 -22.90 2.21 13.48
C PHE A 178 -23.87 1.72 14.55
N ARG A 179 -24.66 0.71 14.22
CA ARG A 179 -25.62 0.16 15.16
C ARG A 179 -24.94 -0.60 16.29
N ASP A 180 -23.95 -1.43 15.96
CA ASP A 180 -23.48 -2.42 16.92
C ASP A 180 -22.09 -2.18 17.48
N SER A 181 -21.23 -1.41 16.81
CA SER A 181 -19.88 -1.24 17.34
C SER A 181 -19.89 -0.40 18.59
N LYS A 182 -19.05 -0.76 19.56
CA LYS A 182 -18.95 0.02 20.78
C LYS A 182 -18.46 1.46 20.52
N ASN A 183 -17.78 1.72 19.39
CA ASN A 183 -17.36 3.08 19.08
C ASN A 183 -18.49 3.97 18.54
N PHE A 184 -19.68 3.42 18.31
CA PHE A 184 -20.80 4.22 17.81
C PHE A 184 -22.06 3.94 18.64
N ARG A 185 -22.82 2.91 18.28
CA ARG A 185 -24.11 2.61 18.93
C ARG A 185 -25.07 3.79 18.78
N LEU A 186 -25.44 4.07 17.54
CA LEU A 186 -26.23 5.26 17.25
C LEU A 186 -27.66 5.16 17.76
N ASN A 187 -28.17 3.97 18.04
CA ASN A 187 -29.49 3.87 18.67
C ASN A 187 -29.42 4.14 20.16
N GLU A 188 -28.22 4.23 20.75
CA GLU A 188 -28.06 4.52 22.17
C GLU A 188 -27.37 5.84 22.48
N ARG A 189 -26.38 6.27 21.70
CA ARG A 189 -25.67 7.51 21.96
C ARG A 189 -25.83 8.46 20.77
N THR A 190 -25.83 9.78 21.05
CA THR A 190 -25.88 10.77 19.99
C THR A 190 -24.53 11.43 19.73
N THR A 191 -23.54 11.19 20.60
CA THR A 191 -22.19 11.72 20.43
C THR A 191 -21.22 10.75 21.06
N GLY A 192 -19.95 10.85 20.67
CA GLY A 192 -18.92 9.96 21.20
C GLY A 192 -17.56 10.34 20.66
N THR A 193 -16.54 9.60 21.11
CA THR A 193 -15.18 9.81 20.64
C THR A 193 -14.61 8.51 20.11
N ILE A 194 -14.06 8.53 18.89
CA ILE A 194 -13.46 7.32 18.32
C ILE A 194 -12.01 7.59 17.99
N ASP A 195 -11.21 6.53 18.04
CA ASP A 195 -9.93 6.48 17.37
C ASP A 195 -10.17 6.03 15.92
N VAL A 196 -9.77 6.86 14.96
CA VAL A 196 -10.02 6.47 13.58
C VAL A 196 -9.15 5.29 13.22
N MET A 197 -7.98 5.16 13.86
CA MET A 197 -7.11 4.02 13.61
C MET A 197 -7.64 2.73 14.24
N VAL A 198 -8.71 2.82 15.01
CA VAL A 198 -9.45 1.67 15.51
C VAL A 198 -10.71 1.41 14.68
N THR A 199 -11.55 2.46 14.49
CA THR A 199 -12.78 2.29 13.72
C THR A 199 -12.51 1.92 12.27
N GLN A 200 -11.54 2.61 11.61
CA GLN A 200 -11.43 2.44 10.16
C GLN A 200 -10.92 1.06 9.76
N PRO A 201 -9.85 0.51 10.36
CA PRO A 201 -9.48 -0.88 10.00
C PRO A 201 -10.62 -1.87 10.17
N GLU A 202 -11.45 -1.75 11.20
CA GLU A 202 -12.57 -2.69 11.36
C GLU A 202 -13.61 -2.49 10.28
N MET A 203 -13.96 -1.23 9.96
CA MET A 203 -14.97 -1.02 8.92
C MET A 203 -14.47 -1.52 7.59
N THR A 204 -13.19 -1.29 7.29
CA THR A 204 -12.63 -1.73 6.02
C THR A 204 -12.74 -3.24 5.85
N ILE A 205 -12.36 -4.00 6.90
CA ILE A 205 -12.38 -5.46 6.79
C ILE A 205 -13.83 -5.98 6.72
N PHE A 206 -14.74 -5.37 7.48
CA PHE A 206 -16.14 -5.79 7.45
C PHE A 206 -16.76 -5.57 6.07
N THR A 207 -16.55 -4.38 5.49
CA THR A 207 -17.10 -4.09 4.17
C THR A 207 -16.38 -4.90 3.09
N ALA A 208 -15.05 -4.95 3.15
CA ALA A 208 -14.31 -5.73 2.17
C ALA A 208 -14.70 -7.21 2.22
N SER A 209 -14.80 -7.77 3.44
CA SER A 209 -15.11 -9.20 3.58
C SER A 209 -16.49 -9.50 3.03
N ARG A 210 -17.48 -8.73 3.48
CA ARG A 210 -18.86 -8.95 3.06
C ARG A 210 -18.97 -8.95 1.54
N SER A 211 -18.29 -8.02 0.86
CA SER A 211 -18.50 -7.81 -0.57
C SER A 211 -17.58 -8.67 -1.43
N LEU A 212 -16.28 -8.71 -1.14
CA LEU A 212 -15.39 -9.54 -1.94
C LEU A 212 -15.53 -11.03 -1.61
N LEU A 213 -15.55 -11.38 -0.33
CA LEU A 213 -15.51 -12.78 0.11
C LEU A 213 -16.87 -13.42 0.30
N GLY A 214 -17.92 -12.64 0.60
CA GLY A 214 -19.24 -13.19 0.77
C GLY A 214 -19.70 -13.22 2.22
N LYS A 215 -20.96 -13.60 2.39
CA LYS A 215 -21.57 -13.50 3.71
C LYS A 215 -21.01 -14.55 4.68
N GLU A 216 -20.68 -15.76 4.19
CA GLU A 216 -20.05 -16.74 5.06
C GLU A 216 -18.78 -16.17 5.65
N MET A 217 -17.91 -15.61 4.80
CA MET A 217 -16.64 -15.11 5.29
C MET A 217 -16.83 -13.87 6.15
N ARG A 218 -17.79 -13.02 5.81
CA ARG A 218 -18.12 -11.91 6.69
C ARG A 218 -18.51 -12.42 8.07
N ALA A 219 -19.40 -13.43 8.11
CA ALA A 219 -19.91 -13.97 9.38
C ALA A 219 -18.79 -14.46 10.28
N LYS A 220 -17.77 -15.11 9.71
CA LYS A 220 -16.67 -15.61 10.52
C LYS A 220 -15.92 -14.49 11.25
N LEU A 221 -16.03 -13.24 10.82
CA LEU A 221 -15.36 -12.18 11.56
C LEU A 221 -16.11 -11.76 12.82
N ASP A 222 -17.31 -12.31 13.06
CA ASP A 222 -18.02 -12.13 14.33
C ASP A 222 -17.64 -13.18 15.36
N THR A 223 -16.46 -13.79 15.25
CA THR A 223 -16.03 -14.85 16.16
C THR A 223 -14.54 -14.68 16.46
N ASP A 224 -14.00 -15.59 17.28
CA ASP A 224 -12.57 -15.59 17.64
C ASP A 224 -11.69 -15.67 16.39
N PHE A 225 -12.27 -16.05 15.26
CA PHE A 225 -11.51 -16.15 14.02
C PHE A 225 -10.85 -14.84 13.62
N ALA A 226 -11.51 -13.71 13.91
CA ALA A 226 -10.97 -12.41 13.54
C ALA A 226 -9.53 -12.24 13.99
N TYR A 227 -9.15 -12.89 15.09
CA TYR A 227 -7.80 -12.71 15.61
C TYR A 227 -6.77 -13.23 14.62
N LEU A 228 -7.13 -14.21 13.79
CA LEU A 228 -6.19 -14.72 12.80
C LEU A 228 -5.82 -13.65 11.76
N TYR A 229 -6.82 -12.86 11.30
CA TYR A 229 -6.50 -11.71 10.47
C TYR A 229 -5.60 -10.73 11.20
N SER A 230 -5.80 -10.59 12.51
CA SER A 230 -4.90 -9.75 13.29
C SER A 230 -3.52 -10.36 13.35
N ASP A 231 -3.44 -11.70 13.48
CA ASP A 231 -2.16 -12.38 13.43
C ASP A 231 -1.54 -12.25 12.05
N LEU A 232 -2.30 -12.63 11.02
CA LEU A 232 -1.76 -12.58 9.67
C LEU A 232 -1.36 -11.17 9.31
N ASP A 233 -2.11 -10.18 9.80
CA ASP A 233 -1.74 -8.77 9.66
C ASP A 233 -0.34 -8.50 10.18
N LYS A 234 -0.08 -8.88 11.44
CA LYS A 234 1.19 -8.56 12.07
C LYS A 234 2.37 -9.27 11.42
N GLY A 235 2.16 -10.37 10.71
CA GLY A 235 3.26 -10.92 9.95
C GLY A 235 3.62 -10.09 8.74
N PHE A 236 2.85 -9.04 8.47
CA PHE A 236 3.04 -8.19 7.30
C PHE A 236 3.69 -6.90 7.81
N THR A 237 5.00 -6.96 8.02
CA THR A 237 5.76 -5.92 8.73
C THR A 237 7.03 -5.62 7.96
N PRO A 238 7.48 -4.37 7.92
CA PRO A 238 8.74 -4.07 7.21
C PRO A 238 9.94 -4.88 7.67
N ILE A 239 9.96 -5.44 8.89
CA ILE A 239 11.08 -6.28 9.24
C ILE A 239 10.84 -7.73 8.84
N ASN A 240 9.72 -8.02 8.18
CA ASN A 240 9.64 -9.13 7.23
C ASN A 240 10.61 -8.93 6.07
N PHE A 241 11.05 -7.69 5.84
CA PHE A 241 11.83 -7.31 4.67
C PHE A 241 13.34 -7.48 4.90
N VAL A 242 13.77 -7.84 6.11
CA VAL A 242 15.19 -8.00 6.42
C VAL A 242 15.43 -9.30 7.20
N PHE A 243 14.58 -9.58 8.18
CA PHE A 243 14.60 -10.83 8.95
C PHE A 243 13.27 -11.54 8.71
N PRO A 244 13.11 -12.23 7.57
CA PRO A 244 11.77 -12.67 7.14
C PRO A 244 11.29 -13.98 7.76
N ASN A 245 12.17 -14.83 8.28
CA ASN A 245 11.69 -16.09 8.81
C ASN A 245 12.47 -16.55 10.03
N LEU A 246 12.97 -15.60 10.82
CA LEU A 246 13.59 -15.98 12.08
C LEU A 246 12.55 -16.65 12.98
N PRO A 247 13.00 -17.75 13.87
CA PRO A 247 12.04 -18.62 14.58
C PRO A 247 11.48 -18.01 15.86
N LEU A 248 10.82 -16.85 15.74
CA LEU A 248 10.09 -16.24 16.84
C LEU A 248 8.60 -16.61 16.72
N GLU A 249 7.78 -16.09 17.64
CA GLU A 249 6.40 -16.56 17.71
C GLU A 249 5.44 -15.79 16.81
N HIS A 250 5.65 -14.49 16.61
CA HIS A 250 4.76 -13.82 15.68
C HIS A 250 4.99 -14.32 14.26
N TYR A 251 6.17 -14.85 13.96
CA TYR A 251 6.39 -15.55 12.70
C TYR A 251 5.57 -16.84 12.64
N ARG A 252 5.24 -17.43 13.78
CA ARG A 252 4.45 -18.65 13.80
C ARG A 252 2.95 -18.38 13.75
N LYS A 253 2.48 -17.40 14.53
CA LYS A 253 1.06 -17.04 14.44
C LYS A 253 0.75 -16.45 13.08
N ARG A 254 1.73 -15.82 12.43
CA ARG A 254 1.60 -15.48 11.03
C ARG A 254 1.33 -16.73 10.19
N ASP A 255 2.30 -17.65 10.18
CA ASP A 255 2.15 -18.86 9.36
C ASP A 255 0.97 -19.70 9.80
N HIS A 256 0.62 -19.67 11.08
CA HIS A 256 -0.57 -20.40 11.50
C HIS A 256 -1.82 -19.72 10.97
N ALA A 257 -1.89 -18.40 11.07
CA ALA A 257 -3.04 -17.68 10.53
C ALA A 257 -3.12 -17.82 9.02
N GLN A 258 -1.98 -17.79 8.35
CA GLN A 258 -2.01 -18.00 6.90
C GLN A 258 -2.58 -19.37 6.57
N LYS A 259 -2.07 -20.42 7.23
CA LYS A 259 -2.61 -21.76 7.04
C LYS A 259 -4.10 -21.81 7.42
N ALA A 260 -4.44 -21.31 8.61
CA ALA A 260 -5.81 -21.35 9.11
C ALA A 260 -6.78 -20.53 8.24
N ILE A 261 -6.42 -19.27 7.93
CA ILE A 261 -7.29 -18.48 7.07
C ILE A 261 -7.42 -19.13 5.70
N SER A 262 -6.29 -19.46 5.06
CA SER A 262 -6.36 -20.10 3.74
C SER A 262 -7.16 -21.40 3.80
N GLY A 263 -7.05 -22.15 4.88
CA GLY A 263 -7.86 -23.35 5.03
C GLY A 263 -9.35 -23.08 4.98
N THR A 264 -9.78 -22.00 5.66
CA THR A 264 -11.20 -21.67 5.68
C THR A 264 -11.73 -21.38 4.29
N TYR A 265 -10.96 -20.65 3.47
CA TYR A 265 -11.44 -20.33 2.14
C TYR A 265 -11.56 -21.60 1.29
N MET A 266 -10.63 -22.54 1.46
CA MET A 266 -10.69 -23.77 0.68
C MET A 266 -11.88 -24.63 1.09
N SER A 267 -12.17 -24.68 2.39
CA SER A 267 -13.37 -25.37 2.85
C SER A 267 -14.61 -24.82 2.14
N LEU A 268 -14.76 -23.49 2.09
CA LEU A 268 -15.93 -22.92 1.42
C LEU A 268 -15.89 -23.20 -0.08
N ILE A 269 -14.72 -23.07 -0.70
CA ILE A 269 -14.56 -23.34 -2.12
C ILE A 269 -14.96 -24.78 -2.44
N LYS A 270 -14.39 -25.75 -1.72
CA LYS A 270 -14.68 -27.15 -2.02
C LYS A 270 -16.13 -27.49 -1.72
N GLU A 271 -16.71 -26.88 -0.69
CA GLU A 271 -18.10 -27.15 -0.41
C GLU A 271 -19.02 -26.58 -1.50
N ARG A 272 -18.63 -25.46 -2.12
CA ARG A 272 -19.45 -24.92 -3.19
C ARG A 272 -19.37 -25.79 -4.43
N ARG A 273 -18.18 -26.33 -4.74
CA ARG A 273 -18.03 -27.17 -5.92
C ARG A 273 -18.77 -28.49 -5.77
N LYS A 274 -18.84 -29.03 -4.56
CA LYS A 274 -19.51 -30.30 -4.37
C LYS A 274 -20.98 -30.15 -4.02
N ASN A 275 -21.48 -28.92 -3.83
CA ASN A 275 -22.91 -28.65 -3.86
C ASN A 275 -23.33 -28.01 -5.19
N ASN A 276 -22.39 -27.81 -6.11
CA ASN A 276 -22.59 -27.06 -7.35
C ASN A 276 -23.19 -25.67 -7.09
N ASP A 277 -22.86 -25.10 -5.94
CA ASP A 277 -23.39 -23.80 -5.53
C ASP A 277 -22.48 -22.66 -6.00
N ILE A 278 -22.23 -22.63 -7.30
CA ILE A 278 -21.30 -21.64 -7.86
C ILE A 278 -22.08 -20.56 -8.62
N GLN A 279 -22.37 -19.46 -7.93
CA GLN A 279 -23.14 -18.34 -8.46
C GLN A 279 -22.22 -17.22 -8.95
N ASP A 280 -22.64 -15.96 -8.75
CA ASP A 280 -21.86 -14.76 -9.02
C ASP A 280 -21.83 -13.83 -7.82
N ARG A 281 -21.88 -14.38 -6.60
CA ARG A 281 -22.16 -13.58 -5.41
C ARG A 281 -20.95 -12.79 -4.90
N ASP A 282 -19.73 -13.26 -5.18
CA ASP A 282 -18.55 -12.66 -4.57
C ASP A 282 -17.33 -13.01 -5.41
N LEU A 283 -16.16 -12.60 -4.92
CA LEU A 283 -14.92 -12.92 -5.61
C LEU A 283 -14.60 -14.42 -5.55
N ILE A 284 -15.17 -15.14 -4.59
CA ILE A 284 -14.92 -16.58 -4.50
C ILE A 284 -15.64 -17.34 -5.61
N ASP A 285 -16.92 -17.02 -5.86
CA ASP A 285 -17.58 -17.59 -7.04
C ASP A 285 -16.78 -17.26 -8.29
N SER A 286 -16.36 -16.00 -8.41
CA SER A 286 -15.73 -15.55 -9.63
C SER A 286 -14.44 -16.30 -9.92
N LEU A 287 -13.57 -16.46 -8.90
CA LEU A 287 -12.30 -17.12 -9.16
C LEU A 287 -12.50 -18.62 -9.40
N MET A 288 -13.52 -19.21 -8.77
CA MET A 288 -13.85 -20.60 -9.09
C MET A 288 -14.18 -20.75 -10.57
N LYS A 289 -15.05 -19.89 -11.11
CA LYS A 289 -15.48 -20.00 -12.50
C LYS A 289 -14.41 -19.56 -13.49
N ASN A 290 -13.38 -18.84 -13.05
CA ASN A 290 -12.44 -18.23 -14.00
C ASN A 290 -11.08 -18.08 -13.32
N SER A 291 -10.28 -19.14 -13.39
CA SER A 291 -8.90 -19.09 -12.90
C SER A 291 -8.02 -20.06 -13.67
N THR A 292 -8.28 -20.25 -14.96
CA THR A 292 -7.46 -21.09 -15.80
C THR A 292 -6.56 -20.18 -16.64
N TYR A 293 -5.25 -20.36 -16.49
CA TYR A 293 -4.29 -19.65 -17.29
C TYR A 293 -4.46 -19.97 -18.78
N LYS A 294 -3.74 -19.22 -19.62
CA LYS A 294 -3.86 -19.41 -21.06
C LYS A 294 -3.13 -20.67 -21.53
N ASP A 295 -2.09 -21.10 -20.79
CA ASP A 295 -1.44 -22.38 -21.07
C ASP A 295 -2.24 -23.58 -20.57
N GLY A 296 -3.46 -23.37 -20.08
CA GLY A 296 -4.33 -24.46 -19.68
C GLY A 296 -4.22 -24.91 -18.24
N VAL A 297 -3.20 -24.49 -17.50
CA VAL A 297 -3.11 -24.81 -16.07
C VAL A 297 -4.20 -24.07 -15.29
N LYS A 298 -4.78 -24.75 -14.32
CA LYS A 298 -5.71 -24.13 -13.40
C LYS A 298 -5.01 -23.73 -12.11
N MET A 299 -5.55 -22.71 -11.45
CA MET A 299 -5.15 -22.43 -10.08
C MET A 299 -5.67 -23.52 -9.18
N THR A 300 -4.82 -24.00 -8.28
CA THR A 300 -5.27 -24.91 -7.25
C THR A 300 -6.13 -24.18 -6.23
N ASP A 301 -6.96 -24.93 -5.51
CA ASP A 301 -7.75 -24.30 -4.47
C ASP A 301 -6.86 -23.56 -3.46
N GLN A 302 -5.66 -24.07 -3.18
CA GLN A 302 -4.77 -23.35 -2.26
C GLN A 302 -4.27 -22.04 -2.89
N GLU A 303 -3.90 -22.09 -4.18
CA GLU A 303 -3.44 -20.87 -4.86
C GLU A 303 -4.55 -19.83 -4.94
N ILE A 304 -5.78 -20.27 -5.19
CA ILE A 304 -6.92 -19.35 -5.22
C ILE A 304 -7.07 -18.68 -3.86
N ALA A 305 -7.03 -19.46 -2.78
CA ALA A 305 -7.21 -18.90 -1.44
C ALA A 305 -6.10 -17.91 -1.08
N ASN A 306 -4.85 -18.23 -1.43
CA ASN A 306 -3.77 -17.29 -1.15
C ASN A 306 -3.94 -16.00 -1.95
N LEU A 307 -4.51 -16.07 -3.15
CA LEU A 307 -4.76 -14.86 -3.91
C LEU A 307 -5.84 -14.01 -3.22
N LEU A 308 -6.83 -14.65 -2.60
CA LEU A 308 -7.83 -13.93 -1.81
C LEU A 308 -7.20 -13.24 -0.61
N ILE A 309 -6.36 -13.95 0.16
CA ILE A 309 -5.64 -13.31 1.24
C ILE A 309 -4.88 -12.09 0.75
N GLY A 310 -4.28 -12.19 -0.44
CA GLY A 310 -3.54 -11.06 -0.97
C GLY A 310 -4.46 -9.91 -1.33
N VAL A 311 -5.57 -10.21 -2.00
CA VAL A 311 -6.54 -9.19 -2.33
C VAL A 311 -7.00 -8.47 -1.06
N LEU A 312 -7.57 -9.21 -0.11
CA LEU A 312 -8.12 -8.62 1.11
C LEU A 312 -7.07 -7.85 1.88
N MET A 313 -5.85 -8.37 1.93
CA MET A 313 -4.81 -7.75 2.75
C MET A 313 -4.28 -6.48 2.11
N GLY A 314 -4.06 -6.49 0.79
CA GLY A 314 -3.62 -5.28 0.13
C GLY A 314 -4.67 -4.20 0.14
N GLY A 315 -5.93 -4.58 -0.10
CA GLY A 315 -7.00 -3.61 -0.02
C GLY A 315 -7.23 -3.10 1.39
N GLN A 316 -6.96 -3.94 2.39
CA GLN A 316 -7.24 -3.59 3.78
C GLN A 316 -6.44 -2.36 4.21
N HIS A 317 -5.15 -2.33 3.91
CA HIS A 317 -4.28 -1.30 4.47
C HIS A 317 -4.36 0.00 3.69
N THR A 318 -4.43 -0.07 2.36
CA THR A 318 -4.60 1.13 1.53
C THR A 318 -5.92 1.82 1.86
N SER A 319 -7.01 1.05 1.90
CA SER A 319 -8.33 1.64 2.06
C SER A 319 -8.52 2.19 3.46
N ALA A 320 -8.13 1.41 4.47
CA ALA A 320 -8.39 1.83 5.85
C ALA A 320 -7.61 3.07 6.20
N ALA A 321 -6.36 3.17 5.75
CA ALA A 321 -5.60 4.39 5.97
C ALA A 321 -6.24 5.58 5.28
N THR A 322 -6.77 5.35 4.07
CA THR A 322 -7.33 6.46 3.30
C THR A 322 -8.61 7.00 3.94
N SER A 323 -9.52 6.12 4.41
CA SER A 323 -10.71 6.65 5.07
C SER A 323 -10.34 7.25 6.43
N ALA A 324 -9.25 6.78 7.05
CA ALA A 324 -8.79 7.46 8.25
C ALA A 324 -8.31 8.89 7.96
N TRP A 325 -7.60 9.11 6.83
CA TRP A 325 -7.16 10.47 6.54
C TRP A 325 -8.33 11.35 6.11
N ILE A 326 -9.27 10.78 5.34
CA ILE A 326 -10.44 11.55 4.94
C ILE A 326 -11.15 12.09 6.16
N LEU A 327 -11.35 11.23 7.18
CA LEU A 327 -12.04 11.69 8.37
C LEU A 327 -11.20 12.71 9.12
N LEU A 328 -9.88 12.46 9.23
CA LEU A 328 -9.06 13.41 9.98
C LEU A 328 -9.02 14.77 9.28
N HIS A 329 -8.97 14.79 7.94
CA HIS A 329 -8.96 16.06 7.24
C HIS A 329 -10.30 16.78 7.34
N LEU A 330 -11.41 16.05 7.24
CA LEU A 330 -12.69 16.71 7.33
C LEU A 330 -13.03 17.11 8.76
N ALA A 331 -12.35 16.52 9.75
CA ALA A 331 -12.58 16.87 11.15
C ALA A 331 -12.28 18.34 11.45
N GLU A 332 -11.47 19.00 10.63
CA GLU A 332 -11.18 20.42 10.78
C GLU A 332 -11.70 21.26 9.61
N ARG A 333 -12.63 20.72 8.82
CA ARG A 333 -13.20 21.43 7.67
C ARG A 333 -14.70 21.25 7.69
N PRO A 334 -15.39 21.83 8.68
CA PRO A 334 -16.87 21.78 8.65
C PRO A 334 -17.44 22.41 7.40
N ASP A 335 -16.71 23.33 6.75
CA ASP A 335 -17.16 23.85 5.47
C ASP A 335 -17.21 22.74 4.43
N VAL A 336 -16.18 21.89 4.37
CA VAL A 336 -16.18 20.79 3.43
C VAL A 336 -17.27 19.77 3.77
N GLN A 337 -17.48 19.47 5.07
CA GLN A 337 -18.58 18.58 5.45
C GLN A 337 -19.92 19.15 5.02
N GLN A 338 -20.07 20.46 5.15
CA GLN A 338 -21.31 21.10 4.75
C GLN A 338 -21.54 20.97 3.24
N GLU A 339 -20.48 21.20 2.46
CA GLU A 339 -20.55 21.06 1.01
C GLU A 339 -20.81 19.61 0.59
N LEU A 340 -20.11 18.64 1.19
CA LEU A 340 -20.41 17.25 0.89
C LEU A 340 -21.83 16.86 1.28
N TYR A 341 -22.38 17.46 2.36
CA TYR A 341 -23.73 17.09 2.76
C TYR A 341 -24.78 17.64 1.79
N GLU A 342 -24.56 18.83 1.24
CA GLU A 342 -25.51 19.37 0.25
C GLU A 342 -25.54 18.48 -0.98
N GLU A 343 -24.38 18.01 -1.45
CA GLU A 343 -24.37 17.11 -2.61
C GLU A 343 -25.12 15.82 -2.32
N GLN A 344 -24.95 15.25 -1.12
CA GLN A 344 -25.75 14.10 -0.70
C GLN A 344 -27.24 14.38 -0.83
N MET A 345 -27.69 15.54 -0.34
CA MET A 345 -29.12 15.86 -0.34
C MET A 345 -29.65 16.01 -1.74
N ARG A 346 -28.86 16.63 -2.63
CA ARG A 346 -29.27 16.80 -4.03
C ARG A 346 -29.31 15.48 -4.79
N VAL A 347 -28.20 14.72 -4.78
CA VAL A 347 -28.15 13.49 -5.58
C VAL A 347 -29.17 12.47 -5.09
N LEU A 348 -29.52 12.49 -3.81
CA LEU A 348 -30.39 11.47 -3.24
C LEU A 348 -31.75 12.00 -2.81
N ASP A 349 -32.22 13.10 -3.43
CA ASP A 349 -33.51 13.70 -3.11
C ASP A 349 -33.74 13.73 -1.59
N GLY A 350 -32.79 14.37 -0.90
CA GLY A 350 -32.86 14.50 0.54
C GLY A 350 -33.06 13.20 1.28
N GLY A 351 -32.51 12.09 0.77
CA GLY A 351 -32.66 10.78 1.38
C GLY A 351 -33.77 9.92 0.80
N LYS A 352 -34.73 10.52 0.07
CA LYS A 352 -35.79 9.76 -0.58
C LYS A 352 -35.29 8.96 -1.80
N LYS A 353 -33.99 8.66 -1.86
CA LYS A 353 -33.40 7.83 -2.90
C LYS A 353 -32.31 7.00 -2.26
N GLU A 354 -32.38 5.67 -2.43
CA GLU A 354 -31.33 4.81 -1.91
C GLU A 354 -30.07 4.96 -2.74
N LEU A 355 -28.92 4.84 -2.06
CA LEU A 355 -27.62 4.99 -2.71
C LEU A 355 -27.33 3.80 -3.62
N THR A 356 -27.05 4.07 -4.88
CA THR A 356 -26.68 3.06 -5.86
C THR A 356 -25.28 3.37 -6.37
N TYR A 357 -24.64 2.37 -6.98
CA TYR A 357 -23.35 2.65 -7.62
C TYR A 357 -23.47 3.74 -8.69
N ASP A 358 -24.66 3.90 -9.29
CA ASP A 358 -24.82 4.95 -10.30
C ASP A 358 -24.87 6.32 -9.65
N LEU A 359 -25.76 6.50 -8.67
CA LEU A 359 -25.81 7.76 -7.95
C LEU A 359 -24.46 8.12 -7.34
N LEU A 360 -23.67 7.11 -6.93
CA LEU A 360 -22.32 7.36 -6.44
C LEU A 360 -21.50 8.13 -7.47
N GLN A 361 -21.69 7.81 -8.75
CA GLN A 361 -20.90 8.47 -9.79
C GLN A 361 -21.40 9.88 -10.10
N GLU A 362 -22.59 10.25 -9.62
CA GLU A 362 -23.04 11.63 -9.71
C GLU A 362 -22.65 12.45 -8.49
N MET A 363 -21.65 12.05 -7.71
CA MET A 363 -21.24 12.77 -6.50
C MET A 363 -19.79 13.25 -6.66
N PRO A 364 -19.55 14.22 -7.53
CA PRO A 364 -18.15 14.58 -7.85
C PRO A 364 -17.39 15.14 -6.67
N LEU A 365 -18.03 15.89 -5.78
CA LEU A 365 -17.29 16.44 -4.65
C LEU A 365 -16.86 15.36 -3.66
N LEU A 366 -17.74 14.37 -3.42
CA LEU A 366 -17.33 13.22 -2.61
C LEU A 366 -16.13 12.52 -3.24
N ASN A 367 -16.20 12.27 -4.55
CA ASN A 367 -15.10 11.62 -5.24
C ASN A 367 -13.88 12.52 -5.30
N GLN A 368 -14.09 13.83 -5.23
CA GLN A 368 -12.95 14.74 -5.22
C GLN A 368 -12.22 14.66 -3.90
N THR A 369 -12.96 14.36 -2.82
CA THR A 369 -12.37 14.28 -1.49
C THR A 369 -11.47 13.06 -1.38
N ILE A 370 -11.94 11.92 -1.89
CA ILE A 370 -11.07 10.75 -2.00
C ILE A 370 -9.85 11.10 -2.88
N LYS A 371 -10.11 11.70 -4.04
CA LYS A 371 -9.01 12.07 -4.94
C LYS A 371 -7.97 12.88 -4.20
N GLU A 372 -8.43 13.92 -3.48
CA GLU A 372 -7.52 14.85 -2.84
C GLU A 372 -6.79 14.19 -1.67
N THR A 373 -7.52 13.37 -0.88
CA THR A 373 -6.89 12.65 0.23
C THR A 373 -5.82 11.71 -0.27
N LEU A 374 -6.08 11.03 -1.39
CA LEU A 374 -5.03 10.20 -1.97
C LEU A 374 -3.87 11.03 -2.49
N ARG A 375 -4.07 12.32 -2.82
CA ARG A 375 -2.92 13.10 -3.25
C ARG A 375 -2.02 13.46 -2.08
N MET A 376 -2.60 13.84 -0.93
CA MET A 376 -1.78 14.20 0.22
C MET A 376 -1.33 12.99 1.04
N HIS A 377 -1.93 11.83 0.86
CA HIS A 377 -1.60 10.69 1.65
C HIS A 377 -1.60 9.44 0.77
N HIS A 378 -0.62 9.35 -0.08
CA HIS A 378 -0.41 8.10 -0.79
C HIS A 378 -0.08 7.02 0.23
N PRO A 379 -0.78 5.88 0.21
CA PRO A 379 -0.53 4.85 1.24
C PRO A 379 0.84 4.20 1.14
N LEU A 380 1.48 4.24 -0.02
CA LEU A 380 2.80 3.65 -0.23
C LEU A 380 3.72 4.78 -0.66
N HIS A 381 4.69 5.12 0.19
CA HIS A 381 5.56 6.21 -0.20
C HIS A 381 6.60 5.77 -1.21
N SER A 382 6.94 4.50 -1.22
CA SER A 382 7.97 3.97 -2.09
C SER A 382 7.49 2.70 -2.75
N LEU A 383 7.81 2.54 -4.02
CA LEU A 383 7.61 1.28 -4.73
C LEU A 383 8.94 0.88 -5.32
N PHE A 384 9.20 -0.42 -5.40
CA PHE A 384 10.53 -0.89 -5.75
C PHE A 384 10.51 -1.88 -6.90
N ARG A 385 11.70 -2.05 -7.44
CA ARG A 385 12.04 -3.10 -8.39
C ARG A 385 13.48 -3.48 -8.12
N LYS A 386 13.80 -4.75 -8.33
CA LYS A 386 15.20 -5.15 -8.36
C LYS A 386 15.70 -5.07 -9.79
N VAL A 387 16.89 -4.50 -9.96
CA VAL A 387 17.44 -4.30 -11.30
C VAL A 387 18.08 -5.61 -11.76
N MET A 388 17.57 -6.14 -12.87
CA MET A 388 18.03 -7.41 -13.40
C MET A 388 19.12 -7.25 -14.45
N LYS A 389 19.07 -6.18 -15.23
CA LYS A 389 20.07 -5.86 -16.23
C LYS A 389 20.51 -4.42 -16.04
N ASP A 390 21.78 -4.15 -16.32
CA ASP A 390 22.28 -2.79 -16.24
C ASP A 390 21.43 -1.87 -17.10
N MET A 391 20.98 -0.76 -16.50
CA MET A 391 20.07 0.17 -17.15
C MET A 391 20.75 1.51 -17.31
N HIS A 392 20.77 2.01 -18.53
CA HIS A 392 21.29 3.34 -18.80
C HIS A 392 20.17 4.35 -18.63
N VAL A 393 20.37 5.31 -17.74
CA VAL A 393 19.39 6.38 -17.51
C VAL A 393 19.45 7.35 -18.68
N PRO A 394 18.40 7.44 -19.49
CA PRO A 394 18.46 8.28 -20.70
C PRO A 394 18.79 9.73 -20.39
N ASN A 395 19.44 10.36 -21.37
CA ASN A 395 19.89 11.76 -21.30
C ASN A 395 20.80 12.02 -20.11
N THR A 396 21.37 10.96 -19.54
CA THR A 396 22.48 11.04 -18.62
C THR A 396 23.59 10.11 -19.12
N SER A 397 24.65 9.96 -18.33
CA SER A 397 25.66 8.94 -18.56
C SER A 397 25.56 7.81 -17.54
N TYR A 398 24.46 7.77 -16.79
CA TYR A 398 24.32 6.86 -15.65
C TYR A 398 23.97 5.45 -16.10
N VAL A 399 24.60 4.48 -15.47
CA VAL A 399 24.24 3.08 -15.62
C VAL A 399 23.90 2.57 -14.22
N ILE A 400 22.65 2.13 -14.03
CA ILE A 400 22.24 1.44 -12.82
C ILE A 400 22.58 -0.03 -13.01
N PRO A 401 23.65 -0.53 -12.40
CA PRO A 401 24.06 -1.91 -12.63
C PRO A 401 23.05 -2.88 -12.05
N ALA A 402 22.94 -4.05 -12.68
CA ALA A 402 22.04 -5.07 -12.14
C ALA A 402 22.41 -5.35 -10.69
N GLY A 403 21.42 -5.74 -9.89
CA GLY A 403 21.62 -5.96 -8.47
C GLY A 403 21.32 -4.75 -7.61
N TYR A 404 21.26 -3.56 -8.21
CA TYR A 404 20.67 -2.43 -7.52
C TYR A 404 19.16 -2.57 -7.46
N HIS A 405 18.55 -1.67 -6.73
CA HIS A 405 17.12 -1.48 -6.80
C HIS A 405 16.83 -0.07 -7.28
N VAL A 406 15.78 0.05 -8.07
CA VAL A 406 15.21 1.34 -8.41
C VAL A 406 14.02 1.57 -7.50
N LEU A 407 13.84 2.82 -7.08
CA LEU A 407 12.77 3.20 -6.16
C LEU A 407 12.03 4.40 -6.76
N VAL A 408 10.76 4.21 -7.05
CA VAL A 408 9.90 5.29 -7.55
C VAL A 408 8.97 5.74 -6.41
N SER A 409 8.61 7.03 -6.42
CA SER A 409 7.84 7.61 -5.32
C SER A 409 6.83 8.64 -5.81
N PRO A 410 5.74 8.19 -6.45
CA PRO A 410 4.77 9.15 -6.99
C PRO A 410 4.17 10.04 -5.92
N GLY A 411 4.02 9.53 -4.69
CA GLY A 411 3.44 10.32 -3.63
C GLY A 411 4.32 11.47 -3.15
N TYR A 412 5.61 11.45 -3.51
CA TYR A 412 6.44 12.63 -3.25
C TYR A 412 6.11 13.75 -4.25
N THR A 413 5.99 13.40 -5.52
CA THR A 413 5.58 14.40 -6.50
C THR A 413 4.19 14.97 -6.19
N HIS A 414 3.32 14.15 -5.59
CA HIS A 414 2.01 14.65 -5.19
C HIS A 414 2.12 15.82 -4.24
N LEU A 415 3.23 15.91 -3.51
CA LEU A 415 3.36 16.95 -2.50
C LEU A 415 4.30 18.07 -2.93
N ARG A 416 4.53 18.24 -4.24
CA ARG A 416 5.39 19.29 -4.76
C ARG A 416 4.54 20.45 -5.28
N ASP A 417 4.84 21.66 -4.80
CA ASP A 417 4.15 22.86 -5.29
C ASP A 417 4.26 22.99 -6.80
N GLU A 418 5.36 22.52 -7.40
CA GLU A 418 5.50 22.56 -8.85
C GLU A 418 4.28 21.97 -9.54
N TYR A 419 3.83 20.81 -9.10
CA TYR A 419 2.80 20.12 -9.85
C TYR A 419 1.41 20.28 -9.26
N PHE A 420 1.33 20.79 -8.03
CA PHE A 420 0.05 21.03 -7.37
C PHE A 420 0.25 22.31 -6.58
N PRO A 421 -0.22 23.43 -7.10
CA PRO A 421 -0.09 24.69 -6.36
C PRO A 421 -0.55 24.47 -4.93
N ASN A 422 0.32 24.80 -3.97
CA ASN A 422 -0.02 24.77 -2.56
C ASN A 422 -0.22 23.33 -2.09
N ALA A 423 0.78 22.50 -2.38
CA ALA A 423 0.58 21.06 -2.36
C ALA A 423 0.20 20.56 -0.99
N HIS A 424 0.54 21.32 0.05
CA HIS A 424 0.29 20.94 1.42
C HIS A 424 -1.05 21.43 1.93
N GLN A 425 -1.88 22.02 1.08
CA GLN A 425 -3.25 22.36 1.44
C GLN A 425 -4.20 21.26 0.99
N PHE A 426 -5.19 20.96 1.83
CA PHE A 426 -6.26 20.03 1.49
C PHE A 426 -7.39 20.82 0.81
N ASN A 427 -7.49 20.66 -0.51
CA ASN A 427 -8.38 21.49 -1.33
C ASN A 427 -8.98 20.57 -2.39
N ILE A 428 -10.22 20.15 -2.15
CA ILE A 428 -10.84 19.20 -3.07
C ILE A 428 -11.20 19.89 -4.37
N HIS A 429 -11.23 21.23 -4.37
CA HIS A 429 -11.63 21.99 -5.54
C HIS A 429 -10.54 22.08 -6.58
N ARG A 430 -9.29 21.81 -6.21
CA ARG A 430 -8.27 21.64 -7.24
C ARG A 430 -8.66 20.55 -8.24
N TRP A 431 -9.68 19.73 -7.94
CA TRP A 431 -10.18 18.71 -8.86
C TRP A 431 -11.57 19.02 -9.37
N ASN A 432 -11.97 20.29 -9.39
CA ASN A 432 -13.21 20.70 -10.04
C ASN A 432 -13.18 20.30 -11.52
N ASN A 433 -14.31 19.78 -12.01
CA ASN A 433 -14.38 19.03 -13.26
C ASN A 433 -13.10 18.21 -13.48
N ASP A 434 -12.81 17.28 -12.57
CA ASP A 434 -11.64 16.42 -12.68
C ASP A 434 -11.66 15.41 -11.54
N SER A 435 -12.83 14.79 -11.35
CA SER A 435 -13.10 13.93 -10.21
C SER A 435 -12.93 12.46 -10.53
N ALA A 436 -12.48 12.12 -11.73
CA ALA A 436 -12.19 10.74 -12.08
C ALA A 436 -11.02 10.19 -11.26
N SER A 437 -11.15 8.94 -10.81
CA SER A 437 -10.13 8.37 -9.93
C SER A 437 -8.76 8.40 -10.59
N SER A 438 -8.73 8.19 -11.91
CA SER A 438 -7.57 8.50 -12.72
C SER A 438 -8.06 8.65 -14.14
N TYR A 439 -7.19 9.17 -15.00
CA TYR A 439 -7.52 9.44 -16.40
C TYR A 439 -6.39 8.89 -17.25
N SER A 440 -6.73 8.07 -18.24
CA SER A 440 -5.76 7.63 -19.22
C SER A 440 -5.61 8.75 -20.25
N VAL A 441 -4.59 9.58 -20.06
CA VAL A 441 -4.53 10.86 -20.74
C VAL A 441 -4.19 10.73 -22.22
N GLY A 442 -3.78 9.54 -22.67
CA GLY A 442 -3.53 9.32 -24.09
C GLY A 442 -3.75 7.92 -24.60
N GLU A 443 -2.69 7.37 -25.16
CA GLU A 443 -2.62 6.03 -25.71
C GLU A 443 -2.65 4.96 -24.60
N GLU A 444 -3.22 3.80 -24.90
CA GLU A 444 -3.34 2.71 -23.94
C GLU A 444 -2.52 1.49 -24.36
N VAL A 445 -2.40 0.55 -23.42
CA VAL A 445 -1.61 -0.67 -23.58
C VAL A 445 -2.26 -1.75 -22.72
N ASP A 446 -2.07 -3.03 -23.10
CA ASP A 446 -2.61 -4.16 -22.35
C ASP A 446 -1.49 -5.14 -22.03
N TYR A 447 -1.35 -5.47 -20.74
CA TYR A 447 -0.27 -6.33 -20.26
C TYR A 447 -0.72 -7.75 -19.95
N GLY A 448 -1.98 -8.08 -20.18
CA GLY A 448 -2.59 -9.28 -19.68
C GLY A 448 -3.87 -9.06 -18.89
N PHE A 449 -4.08 -7.86 -18.33
CA PHE A 449 -5.28 -7.62 -17.53
C PHE A 449 -6.08 -6.42 -18.04
N GLY A 450 -5.93 -6.05 -19.30
CA GLY A 450 -6.76 -5.02 -19.87
C GLY A 450 -5.99 -3.74 -20.16
N ALA A 451 -6.67 -2.86 -20.91
CA ALA A 451 -6.03 -1.68 -21.47
C ALA A 451 -5.82 -0.63 -20.39
N ILE A 452 -4.56 -0.27 -20.15
CA ILE A 452 -4.21 0.77 -19.20
C ILE A 452 -3.34 1.80 -19.93
N SER A 453 -3.18 2.96 -19.30
CA SER A 453 -2.44 4.04 -19.95
C SER A 453 -1.02 3.60 -20.34
N LYS A 454 -0.60 3.98 -21.54
CA LYS A 454 0.76 3.69 -21.96
C LYS A 454 1.76 4.60 -21.26
N GLY A 455 1.52 5.91 -21.27
CA GLY A 455 2.39 6.81 -20.55
C GLY A 455 2.08 6.76 -19.05
N VAL A 456 3.12 6.91 -18.24
CA VAL A 456 2.90 7.02 -16.81
C VAL A 456 3.57 8.29 -16.32
N SER A 457 3.36 9.36 -17.06
CA SER A 457 4.01 10.62 -16.78
C SER A 457 3.07 11.62 -16.12
N SER A 458 1.87 11.20 -15.76
CA SER A 458 1.03 12.06 -14.94
C SER A 458 1.72 12.31 -13.61
N PRO A 459 1.78 13.56 -13.14
CA PRO A 459 2.33 13.81 -11.79
C PRO A 459 1.40 13.37 -10.67
N TYR A 460 0.13 13.12 -10.96
CA TYR A 460 -0.80 12.48 -10.03
C TYR A 460 -0.88 11.02 -10.45
N LEU A 461 -0.22 10.15 -9.70
CA LEU A 461 -0.11 8.73 -10.04
C LEU A 461 -0.43 7.89 -8.81
N PRO A 462 -1.63 8.03 -8.25
CA PRO A 462 -1.90 7.32 -6.99
C PRO A 462 -1.85 5.81 -7.13
N PHE A 463 -2.12 5.27 -8.31
CA PHE A 463 -2.26 3.84 -8.49
C PHE A 463 -1.12 3.25 -9.29
N GLY A 464 -0.04 4.02 -9.49
CA GLY A 464 1.08 3.66 -10.32
C GLY A 464 0.66 3.57 -11.78
N GLY A 465 1.46 2.84 -12.52
CA GLY A 465 1.17 2.55 -13.90
C GLY A 465 2.07 1.43 -14.39
N GLY A 466 1.79 1.00 -15.61
CA GLY A 466 2.56 -0.10 -16.15
C GLY A 466 2.01 -1.43 -15.66
N ARG A 467 2.83 -2.48 -15.85
CA ARG A 467 2.36 -3.84 -15.67
C ARG A 467 1.95 -4.11 -14.22
N HIS A 468 2.60 -3.47 -13.25
CA HIS A 468 2.28 -3.67 -11.86
C HIS A 468 1.21 -2.72 -11.36
N ARG A 469 0.56 -2.01 -12.28
CA ARG A 469 -0.43 -0.99 -11.93
C ARG A 469 -1.59 -1.61 -11.16
N CYS A 470 -2.13 -0.83 -10.22
CA CYS A 470 -3.23 -1.29 -9.39
C CYS A 470 -4.45 -1.67 -10.23
N ILE A 471 -5.19 -2.67 -9.76
CA ILE A 471 -6.50 -2.98 -10.32
C ILE A 471 -7.61 -2.78 -9.30
N GLY A 472 -7.33 -2.10 -8.19
CA GLY A 472 -8.35 -1.98 -7.15
C GLY A 472 -9.01 -0.62 -7.06
N GLU A 473 -8.62 0.32 -7.92
CA GLU A 473 -9.01 1.71 -7.71
C GLU A 473 -10.53 1.85 -7.72
N HIS A 474 -11.22 1.14 -8.61
CA HIS A 474 -12.67 1.29 -8.66
C HIS A 474 -13.31 0.64 -7.47
N PHE A 475 -12.76 -0.49 -7.01
CA PHE A 475 -13.29 -1.06 -5.78
C PHE A 475 -13.05 -0.12 -4.60
N ALA A 476 -11.87 0.48 -4.53
CA ALA A 476 -11.58 1.34 -3.40
C ALA A 476 -12.49 2.58 -3.40
N TYR A 477 -12.73 3.16 -4.59
CA TYR A 477 -13.66 4.28 -4.68
C TYR A 477 -15.08 3.86 -4.34
N CYS A 478 -15.50 2.66 -4.77
CA CYS A 478 -16.83 2.20 -4.39
C CYS A 478 -16.94 2.07 -2.87
N GLN A 479 -15.96 1.41 -2.25
CA GLN A 479 -16.00 1.17 -0.80
C GLN A 479 -15.88 2.48 -0.04
N LEU A 480 -14.80 3.23 -0.25
CA LEU A 480 -14.67 4.57 0.30
C LEU A 480 -15.85 5.46 -0.07
N GLY A 481 -16.41 5.32 -1.27
CA GLY A 481 -17.55 6.15 -1.64
C GLY A 481 -18.77 5.90 -0.76
N VAL A 482 -19.18 4.63 -0.67
CA VAL A 482 -20.33 4.31 0.17
C VAL A 482 -20.06 4.68 1.62
N LEU A 483 -18.86 4.33 2.10
CA LEU A 483 -18.53 4.60 3.49
C LEU A 483 -18.64 6.09 3.81
N MET A 484 -18.01 6.95 3.00
CA MET A 484 -18.05 8.40 3.24
C MET A 484 -19.42 9.01 2.96
N SER A 485 -20.16 8.51 1.97
CA SER A 485 -21.54 8.97 1.78
C SER A 485 -22.39 8.76 3.03
N ILE A 486 -22.27 7.58 3.67
CA ILE A 486 -23.07 7.31 4.85
C ILE A 486 -22.55 8.09 6.05
N PHE A 487 -21.23 8.15 6.22
CA PHE A 487 -20.66 8.97 7.27
C PHE A 487 -21.19 10.40 7.18
N ILE A 488 -21.06 11.03 6.01
CA ILE A 488 -21.47 12.41 5.80
C ILE A 488 -22.96 12.59 6.13
N ARG A 489 -23.82 11.71 5.63
CA ARG A 489 -25.25 11.88 5.88
C ARG A 489 -25.67 11.56 7.32
N THR A 490 -24.85 10.88 8.11
CA THR A 490 -25.23 10.52 9.48
C THR A 490 -24.59 11.41 10.55
N LEU A 491 -23.35 11.80 10.38
CA LEU A 491 -22.59 12.44 11.43
C LEU A 491 -21.98 13.73 10.94
N LYS A 492 -21.76 14.65 11.90
CA LYS A 492 -20.75 15.67 11.84
C LYS A 492 -19.63 15.24 12.77
N TRP A 493 -18.43 15.76 12.55
CA TRP A 493 -17.36 15.37 13.46
C TRP A 493 -16.31 16.46 13.47
N HIS A 494 -15.57 16.54 14.58
CA HIS A 494 -14.58 17.57 14.81
C HIS A 494 -13.53 17.00 15.75
N TYR A 495 -12.47 17.76 15.97
CA TYR A 495 -11.35 17.37 16.81
C TYR A 495 -11.59 17.74 18.27
N PRO A 496 -10.97 17.03 19.21
CA PRO A 496 -10.91 17.54 20.58
C PRO A 496 -10.17 18.87 20.60
N GLU A 497 -10.40 19.63 21.66
CA GLU A 497 -9.81 20.96 21.80
C GLU A 497 -8.30 20.91 21.57
N GLY A 498 -7.81 21.76 20.67
CA GLY A 498 -6.38 21.83 20.39
C GLY A 498 -5.76 20.69 19.60
N LYS A 499 -6.54 19.73 19.09
CA LYS A 499 -6.01 18.68 18.24
C LYS A 499 -6.16 19.08 16.77
N THR A 500 -5.33 18.49 15.91
CA THR A 500 -5.44 18.68 14.47
C THR A 500 -4.96 17.41 13.75
N VAL A 501 -4.87 17.47 12.42
CA VAL A 501 -4.44 16.35 11.58
C VAL A 501 -3.11 15.83 12.10
N PRO A 502 -3.03 14.57 12.51
CA PRO A 502 -1.76 14.02 12.94
C PRO A 502 -0.78 13.96 11.76
N PRO A 503 0.51 13.94 12.05
CA PRO A 503 1.49 13.67 10.99
C PRO A 503 1.55 12.19 10.67
N PRO A 504 2.07 11.81 9.50
CA PRO A 504 2.03 10.41 9.10
C PRO A 504 3.11 9.62 9.81
N ASP A 505 2.76 8.41 10.24
CA ASP A 505 3.72 7.45 10.81
C ASP A 505 4.26 6.59 9.68
N PHE A 506 5.42 7.00 9.13
CA PHE A 506 5.98 6.31 7.97
C PHE A 506 6.63 4.96 8.30
N THR A 507 6.81 4.61 9.58
CA THR A 507 7.59 3.40 9.87
C THR A 507 6.84 2.12 9.54
N SER A 508 5.50 2.14 9.49
CA SER A 508 4.75 0.96 9.04
C SER A 508 4.84 0.75 7.53
N MET A 509 5.61 1.58 6.84
CA MET A 509 5.71 1.71 5.37
C MET A 509 4.39 2.15 4.72
N VAL A 510 3.24 1.76 5.28
CA VAL A 510 1.97 2.39 4.97
C VAL A 510 1.88 3.69 5.76
N THR A 511 1.65 4.82 5.06
CA THR A 511 1.66 6.15 5.68
C THR A 511 0.36 6.32 6.46
N LEU A 512 0.34 5.75 7.65
CA LEU A 512 -0.78 5.90 8.56
C LEU A 512 -0.65 7.19 9.36
N PRO A 513 -1.78 7.78 9.74
CA PRO A 513 -1.74 8.73 10.86
C PRO A 513 -1.11 8.09 12.08
N THR A 514 -0.18 8.81 12.69
CA THR A 514 0.26 8.50 14.04
C THR A 514 -0.92 8.49 14.99
N GLY A 515 -1.31 7.30 15.47
CA GLY A 515 -2.36 7.19 16.47
C GLY A 515 -1.83 7.52 17.86
N PRO A 516 -2.73 7.81 18.82
CA PRO A 516 -4.17 7.88 18.56
C PRO A 516 -4.53 9.14 17.82
N ALA A 517 -5.41 9.01 16.84
CA ALA A 517 -5.92 10.11 16.06
C ALA A 517 -7.43 10.13 16.32
N LYS A 518 -7.86 10.97 17.26
CA LYS A 518 -9.25 10.88 17.73
C LYS A 518 -10.09 11.99 17.12
N ILE A 519 -11.34 11.66 16.79
CA ILE A 519 -12.36 12.63 16.41
C ILE A 519 -13.55 12.47 17.35
N ILE A 520 -14.32 13.55 17.49
CA ILE A 520 -15.58 13.53 18.22
C ILE A 520 -16.70 13.64 17.19
N TRP A 521 -17.59 12.65 17.19
CA TRP A 521 -18.72 12.63 16.27
C TRP A 521 -20.00 12.97 17.01
N GLU A 522 -20.98 13.49 16.25
CA GLU A 522 -22.32 13.82 16.71
C GLU A 522 -23.30 13.33 15.65
N LYS A 523 -24.50 12.97 16.09
CA LYS A 523 -25.54 12.55 15.17
C LYS A 523 -26.25 13.76 14.57
N ARG A 524 -26.47 13.72 13.25
CA ARG A 524 -27.20 14.79 12.61
C ARG A 524 -28.67 14.76 12.97
N ASN A 525 -29.16 13.56 13.24
CA ASN A 525 -30.54 13.35 13.67
C ASN A 525 -30.42 12.51 14.93
N PRO A 526 -30.35 13.14 16.12
CA PRO A 526 -30.22 12.37 17.36
C PRO A 526 -31.28 11.30 17.49
N GLU A 527 -32.49 11.58 17.03
CA GLU A 527 -33.61 10.67 17.22
C GLU A 527 -33.68 9.59 16.17
N GLN A 528 -32.77 9.59 15.21
CA GLN A 528 -32.79 8.58 14.16
C GLN A 528 -32.34 7.21 14.69
N LYS A 529 -32.96 6.15 14.18
CA LYS A 529 -32.67 4.80 14.64
C LYS A 529 -32.33 3.92 13.46
N ILE A 530 -31.22 3.18 13.59
CA ILE A 530 -30.86 2.16 12.61
C ILE A 530 -31.59 0.87 12.95
N GLY A 531 -32.29 0.30 11.98
CA GLY A 531 -33.17 -0.84 12.21
C GLY A 531 -32.46 -2.18 12.30
N GLY A 532 -33.25 -3.25 12.19
CA GLY A 532 -32.74 -4.60 12.28
C GLY A 532 -32.48 -5.05 13.71
N ARG A 533 -32.24 -6.34 13.86
CA ARG A 533 -32.08 -6.96 15.17
C ARG A 533 -30.60 -7.16 15.52
N HIS A 534 -30.32 -7.18 16.82
CA HIS A 534 -28.97 -7.37 17.34
C HIS A 534 -28.97 -7.98 18.74
#